data_8I2K
#
_entry.id   8I2K
#
_cell.length_a   93.298
_cell.length_b   96.584
_cell.length_c   104.789
_cell.angle_alpha   90.00
_cell.angle_beta   90.00
_cell.angle_gamma   90.00
#
_symmetry.space_group_name_H-M   'C 2 2 21'
#
loop_
_entity.id
_entity.type
_entity.pdbx_description
1 polymer 'Putative transcriptional regulator, TetR family'
2 water water
#
_entity_poly.entity_id   1
_entity_poly.type   'polypeptide(L)'
_entity_poly.pdbx_seq_one_letter_code
;MQKEPRKVREFRRREQEILDTALKLFLEQGEDSVTVEMIADAVGIGKGTIYKHFKSKAEIYLRLMLDYERDLAALFHSED
VARDKEALSRAYFEFRMRDPQRYRLFDRLEEKVVKTSQVPEMVEELHKIRASNFERLTQLIKERIADGKLENVPPYFHYC
AAWALVHGAVALYHSPFWREVLEDQEGFFHFLMDIGVRMGNKRKREGDAPSA
;
_entity_poly.pdbx_strand_id   A,B
#
# COMPACT_ATOMS: atom_id res chain seq x y z
N GLU A 4 -12.79 -41.15 11.28
CA GLU A 4 -13.04 -39.78 11.73
C GLU A 4 -13.68 -39.74 13.13
N PRO A 5 -12.97 -40.23 14.14
CA PRO A 5 -13.60 -40.44 15.45
C PRO A 5 -14.23 -39.14 15.95
N ARG A 6 -15.24 -39.32 16.82
CA ARG A 6 -15.98 -38.19 17.38
C ARG A 6 -15.07 -37.32 18.24
N LYS A 7 -14.26 -37.96 19.08
CA LYS A 7 -13.37 -37.22 19.97
C LYS A 7 -12.50 -36.26 19.20
N VAL A 8 -12.01 -36.66 18.02
CA VAL A 8 -11.12 -35.78 17.29
C VAL A 8 -11.89 -34.74 16.49
N ARG A 9 -12.98 -35.15 15.83
CA ARG A 9 -13.82 -34.17 15.16
C ARG A 9 -14.17 -33.04 16.12
N GLU A 10 -14.50 -33.38 17.37
CA GLU A 10 -14.98 -32.33 18.27
C GLU A 10 -13.82 -31.52 18.86
N PHE A 11 -12.65 -32.13 19.04
CA PHE A 11 -11.46 -31.34 19.38
C PHE A 11 -11.15 -30.31 18.29
N ARG A 12 -11.18 -30.75 17.02
CA ARG A 12 -10.89 -29.84 15.91
C ARG A 12 -11.92 -28.73 15.83
N ARG A 13 -13.20 -29.08 16.03
CA ARG A 13 -14.24 -28.08 15.88
C ARG A 13 -14.12 -27.00 16.96
N ARG A 14 -13.81 -27.39 18.20
CA ARG A 14 -13.57 -26.41 19.24
C ARG A 14 -12.33 -25.57 18.91
N GLU A 15 -11.25 -26.22 18.52
CA GLU A 15 -10.05 -25.50 18.09
C GLU A 15 -10.42 -24.42 17.09
N GLN A 16 -11.29 -24.76 16.14
CA GLN A 16 -11.65 -23.79 15.12
C GLN A 16 -12.49 -22.67 15.71
N GLU A 17 -13.40 -22.98 16.65
CA GLU A 17 -14.17 -21.89 17.24
C GLU A 17 -13.26 -20.97 18.02
N ILE A 18 -12.23 -21.54 18.66
CA ILE A 18 -11.26 -20.71 19.39
C ILE A 18 -10.59 -19.74 18.45
N LEU A 19 -10.17 -20.23 17.28
CA LEU A 19 -9.47 -19.41 16.30
C LEU A 19 -10.38 -18.36 15.70
N ASP A 20 -11.60 -18.77 15.28
CA ASP A 20 -12.56 -17.82 14.72
C ASP A 20 -12.95 -16.75 15.74
N THR A 21 -13.00 -17.13 17.02
CA THR A 21 -13.30 -16.16 18.06
C THR A 21 -12.10 -15.27 18.35
N ALA A 22 -10.89 -15.81 18.37
CA ALA A 22 -9.72 -14.97 18.64
C ALA A 22 -9.57 -13.90 17.57
N LEU A 23 -9.61 -14.31 16.30
CA LEU A 23 -9.51 -13.33 15.22
C LEU A 23 -10.53 -12.22 15.42
N LYS A 24 -11.80 -12.60 15.61
CA LYS A 24 -12.87 -11.62 15.80
C LYS A 24 -12.53 -10.66 16.93
N LEU A 25 -12.15 -11.19 18.09
CA LEU A 25 -11.75 -10.30 19.17
C LEU A 25 -10.54 -9.46 18.80
N PHE A 26 -9.55 -10.06 18.13
CA PHE A 26 -8.37 -9.31 17.72
C PHE A 26 -8.76 -8.14 16.83
N LEU A 27 -9.69 -8.37 15.89
CA LEU A 27 -10.07 -7.31 14.96
C LEU A 27 -11.01 -6.29 15.61
N GLU A 28 -11.84 -6.69 16.58
CA GLU A 28 -12.76 -5.72 17.19
C GLU A 28 -12.06 -4.82 18.20
N GLN A 29 -11.10 -5.35 18.95
CA GLN A 29 -10.51 -4.65 20.06
C GLN A 29 -9.03 -4.37 19.95
N GLY A 30 -8.35 -4.90 18.93
CA GLY A 30 -6.93 -4.74 18.86
C GLY A 30 -6.24 -5.86 19.61
N GLU A 31 -5.38 -6.58 18.89
CA GLU A 31 -4.83 -7.82 19.40
C GLU A 31 -4.12 -7.66 20.74
N ASP A 32 -3.46 -6.51 20.99
CA ASP A 32 -2.69 -6.42 22.23
C ASP A 32 -3.61 -6.32 23.46
N SER A 33 -4.87 -5.94 23.27
CA SER A 33 -5.82 -6.02 24.38
C SER A 33 -6.12 -7.47 24.75
N VAL A 34 -6.30 -8.34 23.76
CA VAL A 34 -7.00 -9.61 23.97
C VAL A 34 -6.08 -10.61 24.64
N THR A 35 -6.58 -11.27 25.69
CA THR A 35 -5.88 -12.36 26.34
C THR A 35 -6.49 -13.71 25.97
N VAL A 36 -5.72 -14.77 26.26
CA VAL A 36 -6.29 -16.11 26.16
C VAL A 36 -7.57 -16.18 26.98
N GLU A 37 -7.56 -15.59 28.18
CA GLU A 37 -8.70 -15.69 29.09
C GLU A 37 -9.95 -15.12 28.45
N MET A 38 -9.84 -13.96 27.81
CA MET A 38 -11.03 -13.42 27.18
C MET A 38 -11.48 -14.28 26.00
N ILE A 39 -10.53 -14.84 25.25
CA ILE A 39 -10.92 -15.72 24.16
C ILE A 39 -11.67 -16.92 24.73
N ALA A 40 -11.19 -17.45 25.86
CA ALA A 40 -11.86 -18.59 26.49
C ALA A 40 -13.26 -18.21 26.94
N ASP A 41 -13.39 -17.08 27.64
CA ASP A 41 -14.71 -16.62 28.06
C ASP A 41 -15.62 -16.41 26.86
N ALA A 42 -15.06 -15.90 25.76
CA ALA A 42 -15.86 -15.68 24.58
C ALA A 42 -16.40 -17.00 24.04
N VAL A 43 -15.65 -18.09 24.20
CA VAL A 43 -16.03 -19.36 23.58
C VAL A 43 -16.93 -20.19 24.48
N GLY A 44 -16.87 -19.97 25.79
CA GLY A 44 -17.57 -20.80 26.74
C GLY A 44 -16.70 -21.85 27.42
N ILE A 45 -15.41 -21.61 27.56
CA ILE A 45 -14.49 -22.60 28.12
C ILE A 45 -13.53 -21.87 29.03
N GLY A 46 -12.77 -22.64 29.82
CA GLY A 46 -11.89 -22.10 30.82
C GLY A 46 -10.42 -22.15 30.44
N LYS A 47 -9.57 -21.80 31.41
CA LYS A 47 -8.14 -21.75 31.20
C LYS A 47 -7.58 -23.12 30.81
N GLY A 48 -7.81 -24.13 31.64
CA GLY A 48 -7.25 -25.44 31.37
C GLY A 48 -7.61 -25.97 30.01
N THR A 49 -8.82 -25.66 29.53
CA THR A 49 -9.25 -26.24 28.26
C THR A 49 -8.55 -25.56 27.08
N ILE A 50 -8.52 -24.23 27.08
CA ILE A 50 -7.87 -23.52 25.98
C ILE A 50 -6.39 -23.87 25.89
N TYR A 51 -5.73 -24.13 27.03
CA TYR A 51 -4.32 -24.53 27.01
C TYR A 51 -4.11 -25.90 26.37
N LYS A 52 -5.14 -26.73 26.27
CA LYS A 52 -4.99 -27.99 25.55
C LYS A 52 -4.79 -27.73 24.05
N HIS A 53 -5.29 -26.60 23.55
CA HIS A 53 -5.16 -26.24 22.14
C HIS A 53 -4.00 -25.28 21.89
N PHE A 54 -3.87 -24.22 22.66
CA PHE A 54 -2.81 -23.23 22.44
C PHE A 54 -2.22 -22.86 23.80
N LYS A 55 -0.90 -22.91 23.91
CA LYS A 55 -0.23 -22.67 25.18
C LYS A 55 0.10 -21.21 25.40
N SER A 56 -0.23 -20.33 24.46
CA SER A 56 0.11 -18.91 24.49
C SER A 56 -0.71 -18.21 23.41
N LYS A 57 -0.89 -16.89 23.54
CA LYS A 57 -1.52 -16.14 22.45
C LYS A 57 -0.70 -16.28 21.15
N ALA A 58 0.63 -16.35 21.29
CA ALA A 58 1.52 -16.37 20.13
C ALA A 58 1.25 -17.59 19.25
N GLU A 59 0.96 -18.73 19.87
CA GLU A 59 0.57 -19.88 19.09
C GLU A 59 -0.73 -19.64 18.34
N ILE A 60 -1.65 -18.90 18.94
CA ILE A 60 -2.87 -18.55 18.25
C ILE A 60 -2.55 -17.68 17.06
N TYR A 61 -1.78 -16.61 17.31
CA TYR A 61 -1.29 -15.74 16.25
C TYR A 61 -0.70 -16.52 15.09
N LEU A 62 0.29 -17.36 15.37
CA LEU A 62 0.96 -18.08 14.29
C LEU A 62 0.02 -19.03 13.59
N ARG A 63 -0.85 -19.66 14.36
CA ARG A 63 -1.77 -20.60 13.75
C ARG A 63 -2.73 -19.89 12.81
N LEU A 64 -3.14 -18.68 13.15
CA LEU A 64 -3.98 -17.92 12.22
C LEU A 64 -3.25 -17.66 10.91
N MET A 65 -1.96 -17.35 11.00
CA MET A 65 -1.20 -17.03 9.80
C MET A 65 -0.88 -18.29 9.01
N LEU A 66 -0.53 -19.38 9.69
CA LEU A 66 -0.40 -20.67 9.03
C LEU A 66 -1.67 -21.04 8.29
N ASP A 67 -2.83 -20.84 8.93
CA ASP A 67 -4.08 -21.21 8.25
C ASP A 67 -4.33 -20.35 7.01
N TYR A 68 -3.97 -19.07 7.10
CA TYR A 68 -4.00 -18.23 5.91
C TYR A 68 -3.13 -18.83 4.81
N GLU A 69 -1.89 -19.23 5.15
CA GLU A 69 -0.99 -19.72 4.12
C GLU A 69 -1.48 -21.06 3.56
N ARG A 70 -2.09 -21.89 4.41
CA ARG A 70 -2.66 -23.16 3.95
C ARG A 70 -3.89 -22.94 3.09
N ASP A 71 -4.70 -21.93 3.43
CA ASP A 71 -5.81 -21.56 2.57
C ASP A 71 -5.30 -21.13 1.21
N LEU A 72 -4.25 -20.31 1.18
CA LEU A 72 -3.68 -19.90 -0.10
C LEU A 72 -3.14 -21.09 -0.87
N ALA A 73 -2.44 -21.99 -0.16
CA ALA A 73 -1.95 -23.21 -0.79
C ALA A 73 -3.10 -24.01 -1.42
N ALA A 74 -4.24 -24.10 -0.72
CA ALA A 74 -5.37 -24.89 -1.22
C ALA A 74 -6.02 -24.24 -2.44
N LEU A 75 -6.01 -22.92 -2.52
CA LEU A 75 -6.49 -22.25 -3.73
C LEU A 75 -5.69 -22.63 -4.97
N PHE A 76 -4.40 -22.85 -4.84
CA PHE A 76 -3.63 -23.23 -6.01
C PHE A 76 -3.69 -24.74 -6.28
N HIS A 77 -4.25 -25.51 -5.35
CA HIS A 77 -4.39 -26.97 -5.49
C HIS A 77 -5.85 -27.37 -5.76
N VAL A 81 -5.66 -32.14 -15.11
CA VAL A 81 -6.50 -30.97 -14.82
C VAL A 81 -5.83 -29.72 -15.39
N ALA A 82 -6.44 -29.14 -16.42
CA ALA A 82 -6.00 -27.86 -16.96
C ALA A 82 -6.93 -26.77 -16.41
N ARG A 83 -6.72 -26.43 -15.13
CA ARG A 83 -7.58 -25.45 -14.48
C ARG A 83 -7.63 -24.12 -15.27
N ASP A 84 -8.68 -23.35 -15.00
CA ASP A 84 -8.83 -22.04 -15.62
C ASP A 84 -7.94 -21.04 -14.88
N LYS A 85 -6.89 -20.55 -15.54
CA LYS A 85 -5.93 -19.69 -14.87
C LYS A 85 -6.43 -18.27 -14.75
N GLU A 86 -7.30 -17.86 -15.67
CA GLU A 86 -7.94 -16.56 -15.54
C GLU A 86 -8.84 -16.53 -14.32
N ALA A 87 -9.68 -17.56 -14.17
CA ALA A 87 -10.53 -17.66 -12.99
C ALA A 87 -9.72 -17.81 -11.71
N LEU A 88 -8.56 -18.49 -11.77
CA LEU A 88 -7.70 -18.60 -10.59
C LEU A 88 -7.08 -17.27 -10.22
N SER A 89 -6.64 -16.51 -11.21
CA SER A 89 -6.17 -15.14 -10.96
C SER A 89 -7.25 -14.33 -10.24
N ARG A 90 -8.49 -14.38 -10.73
CA ARG A 90 -9.56 -13.65 -10.04
C ARG A 90 -9.74 -14.18 -8.62
N ALA A 91 -9.77 -15.50 -8.45
CA ALA A 91 -9.91 -16.02 -7.11
C ALA A 91 -8.74 -15.59 -6.23
N TYR A 92 -7.55 -15.41 -6.82
CA TYR A 92 -6.41 -15.06 -5.99
C TYR A 92 -6.59 -13.66 -5.43
N PHE A 93 -6.95 -12.70 -6.30
CA PHE A 93 -7.20 -11.33 -5.84
C PHE A 93 -8.37 -11.26 -4.86
N GLU A 94 -9.45 -11.99 -5.14
CA GLU A 94 -10.60 -11.97 -4.25
C GLU A 94 -10.21 -12.49 -2.88
N PHE A 95 -9.51 -13.63 -2.85
CA PHE A 95 -8.96 -14.15 -1.60
C PHE A 95 -8.08 -13.12 -0.88
N ARG A 96 -7.25 -12.39 -1.63
CA ARG A 96 -6.30 -11.50 -0.95
C ARG A 96 -6.97 -10.25 -0.42
N MET A 97 -8.04 -9.79 -1.06
CA MET A 97 -8.69 -8.54 -0.71
C MET A 97 -9.97 -8.75 0.11
N ARG A 98 -10.40 -9.99 0.29
CA ARG A 98 -11.56 -10.32 1.11
C ARG A 98 -11.52 -9.67 2.50
N ASP A 99 -10.43 -9.86 3.25
CA ASP A 99 -10.38 -9.51 4.68
C ASP A 99 -9.27 -8.49 4.89
N PRO A 100 -9.52 -7.21 4.57
CA PRO A 100 -8.47 -6.20 4.75
C PRO A 100 -8.05 -5.98 6.20
N GLN A 101 -8.96 -6.15 7.15
CA GLN A 101 -8.55 -6.06 8.55
C GLN A 101 -7.56 -7.17 8.92
N ARG A 102 -7.85 -8.40 8.48
CA ARG A 102 -6.91 -9.48 8.75
C ARG A 102 -5.57 -9.20 8.11
N TYR A 103 -5.58 -8.70 6.87
CA TYR A 103 -4.34 -8.35 6.17
C TYR A 103 -3.50 -7.43 7.03
N ARG A 104 -4.15 -6.40 7.56
CA ARG A 104 -3.47 -5.39 8.35
C ARG A 104 -3.01 -5.94 9.67
N LEU A 105 -3.80 -6.80 10.31
CA LEU A 105 -3.36 -7.50 11.51
C LEU A 105 -2.13 -8.35 11.22
N PHE A 106 -2.17 -9.12 10.13
CA PHE A 106 -0.99 -9.94 9.83
C PHE A 106 0.26 -9.10 9.61
N ASP A 107 0.13 -7.89 9.06
CA ASP A 107 1.28 -7.01 8.94
C ASP A 107 1.85 -6.67 10.30
N ARG A 108 1.01 -6.43 11.29
CA ARG A 108 1.58 -6.15 12.59
C ARG A 108 2.09 -7.42 13.25
N LEU A 109 1.39 -8.54 13.06
CA LEU A 109 1.89 -9.80 13.67
C LEU A 109 3.26 -10.16 13.11
N GLU A 110 3.52 -9.85 11.84
CA GLU A 110 4.85 -10.06 11.27
C GLU A 110 5.92 -9.47 12.16
N GLU A 111 5.77 -8.22 12.59
CA GLU A 111 6.74 -7.64 13.52
C GLU A 111 6.65 -8.25 14.92
N LYS A 112 5.42 -8.43 15.43
CA LYS A 112 5.33 -8.76 16.85
C LYS A 112 5.63 -10.22 17.18
N VAL A 113 5.54 -11.14 16.23
CA VAL A 113 5.76 -12.54 16.61
C VAL A 113 6.52 -13.35 15.57
N VAL A 114 6.31 -13.08 14.29
CA VAL A 114 7.05 -13.84 13.28
C VAL A 114 8.55 -13.49 13.34
N LYS A 115 8.88 -12.21 13.32
CA LYS A 115 10.28 -11.79 13.37
C LYS A 115 10.85 -11.80 14.78
N THR A 116 10.42 -12.73 15.60
CA THR A 116 11.00 -12.92 16.91
C THR A 116 11.09 -14.37 17.27
N SER A 117 10.53 -15.25 16.44
CA SER A 117 10.31 -16.65 16.80
C SER A 117 9.95 -16.82 18.32
N GLN A 118 8.91 -16.10 18.73
CA GLN A 118 8.22 -16.43 19.97
C GLN A 118 7.74 -17.86 19.99
N VAL A 119 7.53 -18.47 18.82
CA VAL A 119 7.08 -19.85 18.69
C VAL A 119 7.90 -20.40 17.54
N PRO A 120 9.14 -20.79 17.79
CA PRO A 120 10.06 -20.97 16.66
C PRO A 120 9.70 -22.09 15.70
N GLU A 121 9.08 -23.16 16.16
CA GLU A 121 8.75 -24.26 15.26
C GLU A 121 7.65 -23.85 14.30
N MET A 122 6.70 -23.05 14.77
CA MET A 122 5.60 -22.65 13.90
C MET A 122 6.07 -21.64 12.87
N VAL A 123 6.98 -20.76 13.27
CA VAL A 123 7.51 -19.74 12.39
C VAL A 123 8.34 -20.37 11.29
N GLU A 124 9.16 -21.36 11.63
CA GLU A 124 9.96 -22.07 10.63
C GLU A 124 9.07 -22.70 9.57
N GLU A 125 8.02 -23.37 10.03
CA GLU A 125 7.01 -23.90 9.14
C GLU A 125 6.37 -22.79 8.30
N LEU A 126 6.01 -21.66 8.91
CA LEU A 126 5.37 -20.60 8.15
C LEU A 126 6.23 -20.19 6.96
N HIS A 127 7.55 -20.10 7.15
CA HIS A 127 8.40 -19.60 6.07
C HIS A 127 8.50 -20.59 4.94
N LYS A 128 8.37 -21.89 5.26
CA LYS A 128 8.50 -22.88 4.22
C LYS A 128 7.26 -22.93 3.35
N ILE A 129 6.07 -22.80 3.96
CA ILE A 129 4.85 -22.81 3.18
C ILE A 129 4.73 -21.53 2.38
N ARG A 130 5.27 -20.43 2.92
CA ARG A 130 5.30 -19.18 2.19
C ARG A 130 6.15 -19.30 0.94
N ALA A 131 7.30 -19.95 1.07
CA ALA A 131 8.17 -20.19 -0.07
C ALA A 131 7.44 -21.01 -1.12
N SER A 132 6.67 -22.02 -0.68
CA SER A 132 5.91 -22.82 -1.62
C SER A 132 4.79 -22.00 -2.27
N ASN A 133 4.15 -21.11 -1.52
CA ASN A 133 3.09 -20.29 -2.11
C ASN A 133 3.70 -19.29 -3.09
N PHE A 134 4.86 -18.75 -2.76
CA PHE A 134 5.57 -17.89 -3.68
C PHE A 134 5.84 -18.62 -4.98
N GLU A 135 6.33 -19.86 -4.89
CA GLU A 135 6.56 -20.62 -6.12
C GLU A 135 5.25 -20.93 -6.83
N ARG A 136 4.17 -21.17 -6.09
CA ARG A 136 2.91 -21.48 -6.78
C ARG A 136 2.35 -20.25 -7.49
N LEU A 137 2.43 -19.08 -6.86
CA LEU A 137 1.94 -17.88 -7.52
C LEU A 137 2.80 -17.52 -8.73
N THR A 138 4.12 -17.68 -8.64
CA THR A 138 4.90 -17.30 -9.81
C THR A 138 4.76 -18.32 -10.92
N GLN A 139 4.43 -19.57 -10.58
CA GLN A 139 4.13 -20.55 -11.61
C GLN A 139 2.87 -20.17 -12.39
N LEU A 140 1.82 -19.75 -11.69
CA LEU A 140 0.62 -19.25 -12.34
C LEU A 140 0.95 -18.09 -13.27
N ILE A 141 1.74 -17.13 -12.79
CA ILE A 141 2.23 -16.04 -13.63
C ILE A 141 2.94 -16.58 -14.87
N LYS A 142 3.92 -17.49 -14.69
CA LYS A 142 4.66 -17.98 -15.87
C LYS A 142 3.73 -18.68 -16.86
N GLU A 143 2.72 -19.37 -16.37
CA GLU A 143 1.78 -20.05 -17.25
C GLU A 143 0.87 -19.04 -17.97
N ARG A 144 0.52 -17.94 -17.33
CA ARG A 144 -0.27 -16.95 -18.04
C ARG A 144 0.58 -16.20 -19.06
N ILE A 145 1.88 -16.05 -18.78
CA ILE A 145 2.79 -15.51 -19.78
C ILE A 145 2.88 -16.48 -20.96
N ALA A 146 3.15 -17.74 -20.68
CA ALA A 146 3.32 -18.69 -21.78
C ALA A 146 2.06 -18.78 -22.63
N ASP A 147 0.90 -18.62 -22.01
CA ASP A 147 -0.37 -18.67 -22.73
C ASP A 147 -0.66 -17.38 -23.48
N GLY A 148 0.24 -16.40 -23.42
CA GLY A 148 0.04 -15.14 -24.15
C GLY A 148 -0.82 -14.11 -23.46
N LYS A 149 -1.33 -14.39 -22.25
CA LYS A 149 -2.18 -13.48 -21.52
C LYS A 149 -1.39 -12.35 -20.86
N LEU A 150 -0.27 -12.68 -20.23
CA LEU A 150 0.55 -11.72 -19.52
C LEU A 150 1.73 -11.35 -20.38
N GLU A 151 2.14 -10.10 -20.27
CA GLU A 151 3.32 -9.62 -20.96
C GLU A 151 4.54 -10.41 -20.51
N ASN A 152 5.44 -10.65 -21.46
CA ASN A 152 6.64 -11.46 -21.25
C ASN A 152 7.75 -10.59 -20.66
N VAL A 153 7.62 -10.32 -19.37
CA VAL A 153 8.62 -9.60 -18.57
C VAL A 153 8.99 -10.58 -17.47
N PRO A 154 10.01 -10.32 -16.66
CA PRO A 154 10.33 -11.24 -15.56
C PRO A 154 9.12 -11.49 -14.70
N PRO A 155 8.88 -12.75 -14.33
CA PRO A 155 7.69 -13.05 -13.54
C PRO A 155 7.59 -12.27 -12.24
N TYR A 156 8.73 -11.87 -11.65
CA TYR A 156 8.65 -11.11 -10.41
C TYR A 156 8.06 -9.72 -10.65
N PHE A 157 8.09 -9.21 -11.89
CA PHE A 157 7.39 -7.95 -12.18
C PHE A 157 5.89 -8.06 -11.89
N HIS A 158 5.29 -9.15 -12.33
CA HIS A 158 3.87 -9.34 -12.09
C HIS A 158 3.63 -9.64 -10.63
N TYR A 159 4.53 -10.41 -10.02
CA TYR A 159 4.36 -10.70 -8.60
C TYR A 159 4.34 -9.39 -7.80
N CYS A 160 5.23 -8.45 -8.12
CA CYS A 160 5.33 -7.21 -7.35
C CYS A 160 4.15 -6.28 -7.63
N ALA A 161 3.71 -6.21 -8.88
CA ALA A 161 2.48 -5.52 -9.24
C ALA A 161 1.32 -6.01 -8.40
N ALA A 162 1.13 -7.34 -8.36
CA ALA A 162 0.02 -7.90 -7.61
C ALA A 162 0.09 -7.51 -6.14
N TRP A 163 1.29 -7.65 -5.55
CA TRP A 163 1.50 -7.27 -4.17
C TRP A 163 1.14 -5.81 -3.95
N ALA A 164 1.62 -4.93 -4.84
CA ALA A 164 1.33 -3.51 -4.68
C ALA A 164 -0.17 -3.24 -4.72
N LEU A 165 -0.86 -3.86 -5.67
CA LEU A 165 -2.29 -3.59 -5.83
C LEU A 165 -3.06 -4.01 -4.59
N VAL A 166 -2.77 -5.22 -4.09
CA VAL A 166 -3.43 -5.69 -2.89
C VAL A 166 -3.12 -4.76 -1.71
N HIS A 167 -1.84 -4.37 -1.58
CA HIS A 167 -1.46 -3.57 -0.44
C HIS A 167 -2.22 -2.25 -0.40
N GLY A 168 -2.29 -1.56 -1.54
CA GLY A 168 -2.98 -0.27 -1.60
C GLY A 168 -4.49 -0.42 -1.51
N ALA A 169 -5.03 -1.51 -2.08
CA ALA A 169 -6.46 -1.78 -1.90
C ALA A 169 -6.81 -1.89 -0.42
N VAL A 170 -5.97 -2.58 0.35
CA VAL A 170 -6.21 -2.69 1.78
C VAL A 170 -6.10 -1.33 2.46
N ALA A 171 -5.10 -0.55 2.12
CA ALA A 171 -4.98 0.78 2.70
C ALA A 171 -6.15 1.68 2.33
N LEU A 172 -6.70 1.48 1.14
CA LEU A 172 -7.85 2.25 0.69
C LEU A 172 -9.03 2.05 1.61
N TYR A 173 -9.23 0.80 2.06
CA TYR A 173 -10.32 0.43 2.92
C TYR A 173 -10.11 0.88 4.35
N HIS A 174 -8.88 1.19 4.74
CA HIS A 174 -8.63 1.71 6.08
C HIS A 174 -8.57 3.23 6.12
N SER A 175 -8.72 3.90 4.99
CA SER A 175 -8.67 5.36 4.99
C SER A 175 -10.06 5.90 5.31
N PRO A 176 -10.22 6.68 6.39
CA PRO A 176 -11.52 7.35 6.62
C PRO A 176 -12.01 8.13 5.41
N PHE A 177 -11.15 8.96 4.81
CA PHE A 177 -11.52 9.69 3.61
C PHE A 177 -12.08 8.72 2.55
N TRP A 178 -11.43 7.55 2.33
CA TRP A 178 -11.71 6.71 1.16
C TRP A 178 -13.00 5.93 1.31
N ARG A 179 -13.34 5.50 2.52
CA ARG A 179 -14.50 4.65 2.67
C ARG A 179 -15.78 5.42 2.41
N GLU A 180 -15.79 6.73 2.65
CA GLU A 180 -17.00 7.49 2.37
C GLU A 180 -17.15 7.82 0.88
N VAL A 181 -16.06 8.15 0.18
CA VAL A 181 -16.20 8.36 -1.26
C VAL A 181 -16.65 7.06 -1.94
N LEU A 182 -16.36 5.91 -1.33
CA LEU A 182 -16.67 4.59 -1.89
C LEU A 182 -18.11 4.23 -1.55
N GLU A 183 -19.01 4.82 -2.32
CA GLU A 183 -20.45 4.64 -2.11
C GLU A 183 -20.87 3.21 -2.40
N ASP A 184 -20.72 2.76 -3.65
CA ASP A 184 -21.04 1.39 -4.07
C ASP A 184 -19.82 0.52 -3.84
N GLN A 185 -19.78 -0.16 -2.70
CA GLN A 185 -18.55 -0.84 -2.32
C GLN A 185 -18.37 -2.18 -3.00
N GLU A 186 -19.45 -2.85 -3.40
CA GLU A 186 -19.29 -4.11 -4.11
C GLU A 186 -19.13 -3.91 -5.61
N GLY A 187 -19.72 -2.85 -6.18
CA GLY A 187 -19.33 -2.46 -7.52
C GLY A 187 -17.85 -2.17 -7.61
N PHE A 188 -17.31 -1.44 -6.63
CA PHE A 188 -15.90 -1.10 -6.71
C PHE A 188 -15.04 -2.34 -6.58
N PHE A 189 -15.38 -3.20 -5.62
CA PHE A 189 -14.64 -4.42 -5.39
C PHE A 189 -14.49 -5.25 -6.67
N HIS A 190 -15.59 -5.46 -7.38
CA HIS A 190 -15.52 -6.21 -8.63
C HIS A 190 -14.72 -5.46 -9.68
N PHE A 191 -14.81 -4.13 -9.73
CA PHE A 191 -13.93 -3.36 -10.60
C PHE A 191 -12.46 -3.62 -10.25
N LEU A 192 -12.15 -3.72 -8.96
CA LEU A 192 -10.77 -3.95 -8.51
C LEU A 192 -10.27 -5.33 -8.93
N MET A 193 -11.12 -6.34 -8.82
CA MET A 193 -10.83 -7.67 -9.30
C MET A 193 -10.50 -7.64 -10.79
N ASP A 194 -11.34 -6.96 -11.58
CA ASP A 194 -11.06 -6.87 -13.00
C ASP A 194 -9.68 -6.26 -13.21
N ILE A 195 -9.40 -5.16 -12.50
CA ILE A 195 -8.08 -4.55 -12.64
C ILE A 195 -6.97 -5.59 -12.39
N GLY A 196 -7.12 -6.40 -11.33
CA GLY A 196 -6.07 -7.32 -10.96
C GLY A 196 -5.83 -8.41 -12.01
N VAL A 197 -6.91 -9.06 -12.45
CA VAL A 197 -6.84 -10.03 -13.54
C VAL A 197 -6.24 -9.44 -14.82
N ARG A 198 -6.50 -8.18 -15.08
CA ARG A 198 -6.12 -7.56 -16.34
C ARG A 198 -4.76 -6.91 -16.27
N MET A 199 -4.22 -6.77 -15.08
CA MET A 199 -2.97 -6.07 -14.89
C MET A 199 -1.86 -6.77 -15.65
N GLY A 200 -1.05 -5.99 -16.36
CA GLY A 200 0.07 -6.54 -17.06
C GLY A 200 -0.28 -7.50 -18.18
N ASN A 201 -1.52 -7.45 -18.67
CA ASN A 201 -1.92 -8.25 -19.81
C ASN A 201 -1.16 -7.81 -21.05
N LYS A 202 -0.80 -8.77 -21.91
CA LYS A 202 -0.17 -8.43 -23.18
C LYS A 202 -1.12 -7.63 -24.06
N ARG A 203 -0.60 -6.56 -24.65
CA ARG A 203 -1.40 -5.72 -25.57
C ARG A 203 -1.70 -6.42 -26.89
N ARG B 6 17.31 40.37 -11.31
CA ARG B 6 17.09 41.66 -10.68
C ARG B 6 17.92 41.79 -9.41
N LYS B 7 18.90 40.89 -9.24
CA LYS B 7 19.73 40.82 -8.04
C LYS B 7 18.96 40.26 -6.84
N VAL B 8 17.64 40.16 -7.01
CA VAL B 8 16.76 39.49 -6.05
C VAL B 8 17.18 38.05 -5.81
N ARG B 9 18.00 37.50 -6.70
CA ARG B 9 18.14 36.06 -6.80
C ARG B 9 19.28 35.49 -5.96
N GLU B 10 20.10 36.33 -5.32
CA GLU B 10 20.83 35.86 -4.13
C GLU B 10 19.86 35.13 -3.19
N PHE B 11 18.59 35.55 -3.19
CA PHE B 11 17.49 34.98 -2.39
C PHE B 11 16.84 33.78 -3.09
N ARG B 12 16.40 33.96 -4.33
CA ARG B 12 15.85 32.87 -5.14
C ARG B 12 16.74 31.62 -5.09
N ARG B 13 17.93 31.71 -5.71
CA ARG B 13 18.83 30.57 -5.79
C ARG B 13 18.93 29.91 -4.43
N ARG B 14 19.32 30.69 -3.42
CA ARG B 14 19.53 30.13 -2.09
C ARG B 14 18.29 29.37 -1.60
N GLU B 15 17.09 29.94 -1.77
CA GLU B 15 15.89 29.31 -1.22
C GLU B 15 15.73 27.88 -1.74
N GLN B 16 15.77 27.71 -3.06
CA GLN B 16 15.71 26.38 -3.66
C GLN B 16 16.78 25.44 -3.12
N GLU B 17 17.98 25.96 -2.84
CA GLU B 17 19.03 25.15 -2.24
C GLU B 17 18.72 24.83 -0.78
N ILE B 18 18.03 25.73 -0.08
CA ILE B 18 17.67 25.41 1.30
C ILE B 18 16.69 24.26 1.31
N LEU B 19 15.70 24.29 0.41
CA LEU B 19 14.68 23.25 0.38
C LEU B 19 15.28 21.93 -0.06
N ASP B 20 16.05 21.96 -1.16
CA ASP B 20 16.68 20.76 -1.72
C ASP B 20 17.49 20.04 -0.66
N THR B 21 18.14 20.80 0.23
CA THR B 21 19.00 20.19 1.25
C THR B 21 18.22 19.77 2.49
N ALA B 22 17.21 20.52 2.90
CA ALA B 22 16.35 20.07 3.98
C ALA B 22 15.72 18.71 3.65
N LEU B 23 15.17 18.58 2.45
CA LEU B 23 14.55 17.31 2.06
C LEU B 23 15.56 16.18 2.12
N LYS B 24 16.72 16.37 1.49
CA LYS B 24 17.74 15.32 1.50
C LYS B 24 18.04 14.90 2.94
N LEU B 25 18.29 15.87 3.81
CA LEU B 25 18.54 15.54 5.21
C LEU B 25 17.35 14.83 5.84
N PHE B 26 16.12 15.28 5.51
CA PHE B 26 14.92 14.68 6.09
C PHE B 26 14.87 13.20 5.76
N LEU B 27 15.15 12.87 4.50
CA LEU B 27 15.04 11.49 4.01
C LEU B 27 16.19 10.59 4.47
N GLU B 28 17.38 11.16 4.66
CA GLU B 28 18.51 10.35 5.10
C GLU B 28 18.47 10.04 6.59
N GLN B 29 18.08 11.01 7.40
CA GLN B 29 18.21 10.91 8.85
C GLN B 29 16.87 10.88 9.60
N GLY B 30 15.75 11.01 8.90
CA GLY B 30 14.45 11.10 9.55
C GLY B 30 14.16 12.52 9.95
N GLU B 31 12.95 13.03 9.66
CA GLU B 31 12.71 14.47 9.75
C GLU B 31 12.76 14.98 11.19
N ASP B 32 12.27 14.17 12.15
CA ASP B 32 12.27 14.59 13.55
C ASP B 32 13.66 14.98 14.04
N SER B 33 14.70 14.38 13.48
CA SER B 33 16.03 14.61 14.00
C SER B 33 16.74 15.79 13.37
N VAL B 34 16.19 16.34 12.29
CA VAL B 34 16.88 17.37 11.53
C VAL B 34 16.45 18.73 12.05
N THR B 35 17.43 19.62 12.27
CA THR B 35 17.18 20.97 12.76
C THR B 35 17.52 21.98 11.68
N VAL B 36 16.98 23.19 11.83
CA VAL B 36 17.39 24.27 10.93
C VAL B 36 18.90 24.45 10.98
N GLU B 37 19.47 24.35 12.18
CA GLU B 37 20.92 24.44 12.32
C GLU B 37 21.63 23.48 11.38
N MET B 38 21.22 22.21 11.40
CA MET B 38 21.86 21.24 10.51
C MET B 38 21.63 21.59 9.05
N ILE B 39 20.47 22.18 8.73
CA ILE B 39 20.21 22.49 7.32
C ILE B 39 21.12 23.64 6.87
N ALA B 40 21.22 24.68 7.68
CA ALA B 40 22.23 25.73 7.52
C ALA B 40 23.55 25.18 8.03
N ASP B 41 24.38 24.65 7.13
CA ASP B 41 25.46 23.76 7.53
C ASP B 41 25.68 22.87 6.32
N ALA B 42 24.69 22.05 6.04
CA ALA B 42 24.72 21.28 4.79
C ALA B 42 24.76 22.21 3.59
N VAL B 43 24.05 23.34 3.65
CA VAL B 43 24.00 24.26 2.52
C VAL B 43 25.22 25.17 2.51
N GLY B 44 25.73 25.53 3.70
CA GLY B 44 26.91 26.34 3.82
C GLY B 44 26.60 27.79 4.19
N ILE B 45 25.66 27.98 5.12
CA ILE B 45 25.21 29.29 5.58
C ILE B 45 24.87 29.16 7.05
N GLY B 46 24.77 30.29 7.73
CA GLY B 46 24.69 30.29 9.17
C GLY B 46 23.26 30.19 9.65
N LYS B 47 22.63 31.33 9.89
CA LYS B 47 21.19 31.42 10.04
C LYS B 47 20.72 32.64 9.25
N GLY B 48 21.21 32.74 8.01
CA GLY B 48 20.61 33.58 7.00
C GLY B 48 19.52 32.78 6.33
N THR B 49 18.96 31.83 7.10
CA THR B 49 17.85 30.98 6.68
C THR B 49 16.53 31.35 7.33
N ILE B 50 16.57 31.96 8.53
CA ILE B 50 15.33 32.24 9.24
C ILE B 50 14.65 33.50 8.72
N TYR B 51 15.38 34.41 8.09
CA TYR B 51 14.72 35.42 7.26
C TYR B 51 14.62 34.98 5.81
N LYS B 52 15.34 33.92 5.46
CA LYS B 52 15.25 33.33 4.13
C LYS B 52 13.94 32.61 3.95
N HIS B 53 12.86 33.20 4.46
CA HIS B 53 11.61 32.45 4.63
C HIS B 53 11.92 31.28 5.56
N PHE B 54 10.91 30.53 5.94
CA PHE B 54 11.14 29.48 6.90
C PHE B 54 11.51 30.15 8.22
N LYS B 55 10.51 30.74 8.86
CA LYS B 55 10.63 31.15 10.26
C LYS B 55 10.63 29.93 11.22
N SER B 56 10.63 28.73 10.63
CA SER B 56 10.56 27.48 11.39
C SER B 56 10.71 26.32 10.41
N LYS B 57 10.95 25.13 10.95
CA LYS B 57 11.00 23.94 10.10
C LYS B 57 9.62 23.60 9.52
N ALA B 58 8.54 23.81 10.29
CA ALA B 58 7.21 23.54 9.76
C ALA B 58 6.96 24.29 8.45
N GLU B 59 7.48 25.52 8.34
CA GLU B 59 7.34 26.27 7.09
C GLU B 59 8.10 25.59 5.97
N ILE B 60 9.25 24.99 6.29
CA ILE B 60 9.98 24.20 5.29
C ILE B 60 9.14 23.00 4.85
N TYR B 61 8.58 22.28 5.82
CA TYR B 61 7.73 21.14 5.54
C TYR B 61 6.61 21.51 4.60
N LEU B 62 5.92 22.62 4.90
CA LEU B 62 4.74 22.98 4.12
C LEU B 62 5.18 23.42 2.76
N ARG B 63 6.28 24.15 2.70
CA ARG B 63 6.80 24.61 1.42
C ARG B 63 7.07 23.43 0.51
N LEU B 64 7.71 22.37 1.04
CA LEU B 64 8.01 21.19 0.25
C LEU B 64 6.72 20.55 -0.27
N MET B 65 5.71 20.48 0.58
CA MET B 65 4.46 19.91 0.12
C MET B 65 3.79 20.82 -0.89
N LEU B 66 3.86 22.14 -0.65
CA LEU B 66 3.24 23.07 -1.58
C LEU B 66 3.96 23.02 -2.92
N ASP B 67 5.29 22.90 -2.89
CA ASP B 67 6.04 22.81 -4.15
C ASP B 67 5.64 21.55 -4.89
N TYR B 68 5.45 20.44 -4.16
CA TYR B 68 5.05 19.19 -4.79
C TYR B 68 3.70 19.34 -5.47
N GLU B 69 2.74 20.00 -4.82
CA GLU B 69 1.40 20.12 -5.43
C GLU B 69 1.40 21.09 -6.61
N ARG B 70 2.25 22.12 -6.58
CA ARG B 70 2.35 23.04 -7.70
C ARG B 70 2.99 22.36 -8.91
N ASP B 71 4.02 21.54 -8.70
CA ASP B 71 4.58 20.75 -9.80
C ASP B 71 3.53 19.79 -10.37
N LEU B 72 2.74 19.15 -9.50
CA LEU B 72 1.65 18.33 -9.98
C LEU B 72 0.69 19.16 -10.82
N ALA B 73 0.35 20.35 -10.34
CA ALA B 73 -0.53 21.24 -11.09
C ALA B 73 0.08 21.56 -12.45
N ALA B 74 1.38 21.87 -12.48
CA ALA B 74 2.01 22.19 -13.76
C ALA B 74 1.94 21.03 -14.75
N LEU B 75 1.82 19.79 -14.26
CA LEU B 75 1.72 18.64 -15.15
C LEU B 75 0.47 18.70 -15.99
N PHE B 76 -0.65 19.06 -15.35
CA PHE B 76 -1.95 19.09 -16.01
C PHE B 76 -2.10 20.28 -16.95
N HIS B 77 -1.18 21.23 -16.89
CA HIS B 77 -1.30 22.46 -17.68
C HIS B 77 -0.52 22.33 -18.98
N SER B 78 0.79 22.13 -18.87
CA SER B 78 1.70 21.90 -19.99
C SER B 78 1.05 21.57 -21.32
N ARG B 83 -3.08 17.87 -23.79
CA ARG B 83 -3.66 17.42 -25.06
C ARG B 83 -3.61 15.90 -25.22
N ASP B 84 -2.46 15.28 -24.94
CA ASP B 84 -2.33 13.81 -25.03
C ASP B 84 -2.69 13.21 -23.66
N LYS B 85 -3.93 12.76 -23.53
CA LYS B 85 -4.44 12.30 -22.26
C LYS B 85 -3.72 11.04 -21.79
N GLU B 86 -3.30 10.17 -22.71
CA GLU B 86 -2.54 9.00 -22.32
C GLU B 86 -1.15 9.37 -21.82
N ALA B 87 -0.46 10.26 -22.54
CA ALA B 87 0.86 10.70 -22.10
C ALA B 87 0.77 11.43 -20.77
N LEU B 88 -0.35 12.11 -20.52
CA LEU B 88 -0.57 12.81 -19.26
C LEU B 88 -0.86 11.81 -18.13
N SER B 89 -1.68 10.81 -18.40
CA SER B 89 -1.92 9.73 -17.44
C SER B 89 -0.59 9.10 -17.04
N ARG B 90 0.28 8.85 -18.00
CA ARG B 90 1.57 8.25 -17.70
C ARG B 90 2.46 9.21 -16.93
N ALA B 91 2.42 10.51 -17.26
CA ALA B 91 3.26 11.43 -16.51
C ALA B 91 2.79 11.52 -15.06
N TYR B 92 1.48 11.40 -14.85
CA TYR B 92 0.91 11.44 -13.50
C TYR B 92 1.44 10.29 -12.65
N PHE B 93 1.37 9.06 -13.15
CA PHE B 93 1.89 7.92 -12.39
C PHE B 93 3.38 8.06 -12.18
N GLU B 94 4.13 8.48 -13.21
CA GLU B 94 5.55 8.72 -13.02
C GLU B 94 5.80 9.72 -11.90
N PHE B 95 5.05 10.82 -11.91
CA PHE B 95 5.25 11.85 -10.92
C PHE B 95 4.93 11.32 -9.53
N ARG B 96 3.88 10.52 -9.42
CA ARG B 96 3.48 10.03 -8.12
C ARG B 96 4.42 8.95 -7.61
N MET B 97 5.03 8.17 -8.50
CA MET B 97 5.77 7.00 -8.03
C MET B 97 7.27 7.22 -7.95
N ARG B 98 7.83 8.19 -8.66
CA ARG B 98 9.20 8.60 -8.38
C ARG B 98 9.30 9.08 -6.94
N ASP B 99 10.41 8.84 -6.36
CA ASP B 99 10.63 9.23 -4.97
C ASP B 99 9.58 8.72 -3.99
N PRO B 100 9.51 7.42 -3.79
CA PRO B 100 8.61 6.90 -2.75
C PRO B 100 8.97 7.37 -1.37
N GLN B 101 10.25 7.63 -1.08
CA GLN B 101 10.61 8.10 0.25
C GLN B 101 9.97 9.46 0.54
N ARG B 102 10.00 10.37 -0.43
CA ARG B 102 9.33 11.64 -0.25
C ARG B 102 7.82 11.44 -0.04
N TYR B 103 7.22 10.49 -0.77
CA TYR B 103 5.79 10.21 -0.58
C TYR B 103 5.51 9.84 0.87
N ARG B 104 6.43 9.10 1.49
CA ARG B 104 6.21 8.65 2.85
C ARG B 104 6.44 9.75 3.86
N LEU B 105 7.46 10.55 3.64
CA LEU B 105 7.64 11.75 4.46
C LEU B 105 6.35 12.56 4.48
N PHE B 106 5.79 12.85 3.30
CA PHE B 106 4.60 13.68 3.21
C PHE B 106 3.43 13.03 3.94
N ASP B 107 3.32 11.71 3.86
CA ASP B 107 2.26 11.05 4.62
C ASP B 107 2.40 11.26 6.12
N ARG B 108 3.63 11.18 6.65
CA ARG B 108 3.82 11.43 8.07
C ARG B 108 3.54 12.87 8.42
N LEU B 109 3.90 13.80 7.51
CA LEU B 109 3.67 15.21 7.76
C LEU B 109 2.20 15.55 7.77
N GLU B 110 1.36 14.74 7.11
CA GLU B 110 -0.08 14.94 7.18
C GLU B 110 -0.53 14.96 8.63
N GLU B 111 -0.11 13.95 9.39
CA GLU B 111 -0.49 13.86 10.79
C GLU B 111 0.34 14.79 11.68
N LYS B 112 1.63 14.95 11.41
CA LYS B 112 2.47 15.71 12.33
C LYS B 112 2.29 17.22 12.17
N VAL B 113 1.99 17.67 10.97
CA VAL B 113 1.96 19.09 10.68
C VAL B 113 0.61 19.54 10.12
N VAL B 114 0.18 18.96 9.00
CA VAL B 114 -1.00 19.47 8.31
C VAL B 114 -2.22 19.50 9.23
N LYS B 115 -2.48 18.41 9.93
CA LYS B 115 -3.64 18.27 10.81
C LYS B 115 -3.38 18.83 12.20
N THR B 116 -2.76 19.99 12.27
CA THR B 116 -2.50 20.72 13.50
C THR B 116 -2.76 22.19 13.19
N SER B 117 -2.44 23.07 14.14
CA SER B 117 -2.56 24.52 13.95
C SER B 117 -1.25 25.16 13.49
N GLN B 118 -0.23 24.37 13.24
CA GLN B 118 1.01 24.92 12.74
C GLN B 118 0.80 25.61 11.39
N VAL B 119 1.53 26.69 11.18
CA VAL B 119 1.60 27.42 9.92
C VAL B 119 0.26 27.41 9.21
N PRO B 120 -0.79 27.92 9.83
CA PRO B 120 -2.12 27.78 9.25
C PRO B 120 -2.28 28.42 7.87
N GLU B 121 -1.58 29.53 7.58
CA GLU B 121 -1.72 30.14 6.25
C GLU B 121 -1.22 29.21 5.15
N MET B 122 -0.16 28.45 5.40
CA MET B 122 0.33 27.51 4.40
C MET B 122 -0.54 26.27 4.34
N VAL B 123 -1.06 25.82 5.48
CA VAL B 123 -1.93 24.64 5.47
C VAL B 123 -3.21 24.94 4.70
N GLU B 124 -3.80 26.11 4.95
CA GLU B 124 -4.94 26.55 4.17
C GLU B 124 -4.63 26.50 2.68
N GLU B 125 -3.50 27.06 2.27
CA GLU B 125 -3.12 27.00 0.86
C GLU B 125 -2.95 25.54 0.37
N LEU B 126 -2.37 24.67 1.19
CA LEU B 126 -2.21 23.28 0.81
C LEU B 126 -3.55 22.63 0.54
N HIS B 127 -4.53 22.91 1.40
CA HIS B 127 -5.82 22.28 1.21
C HIS B 127 -6.44 22.73 -0.08
N LYS B 128 -6.26 24.01 -0.43
CA LYS B 128 -6.89 24.50 -1.64
C LYS B 128 -6.26 23.87 -2.87
N ILE B 129 -4.94 23.91 -2.98
CA ILE B 129 -4.33 23.35 -4.18
C ILE B 129 -4.48 21.80 -4.26
N ARG B 130 -4.56 21.09 -3.12
CA ARG B 130 -4.91 19.67 -3.19
C ARG B 130 -6.31 19.44 -3.75
N ALA B 131 -7.28 20.24 -3.31
CA ALA B 131 -8.60 20.12 -3.93
C ALA B 131 -8.53 20.48 -5.42
N SER B 132 -7.75 21.49 -5.78
CA SER B 132 -7.60 21.82 -7.19
C SER B 132 -7.07 20.60 -7.96
N ASN B 133 -6.02 19.97 -7.44
CA ASN B 133 -5.38 18.85 -8.16
C ASN B 133 -6.27 17.64 -8.20
N PHE B 134 -7.06 17.44 -7.16
CA PHE B 134 -8.04 16.37 -7.16
C PHE B 134 -9.05 16.56 -8.29
N GLU B 135 -9.51 17.79 -8.48
CA GLU B 135 -10.47 18.06 -9.53
C GLU B 135 -9.84 17.92 -10.90
N ARG B 136 -8.57 18.26 -11.07
CA ARG B 136 -7.95 18.08 -12.38
C ARG B 136 -7.78 16.60 -12.72
N LEU B 137 -7.43 15.78 -11.71
CA LEU B 137 -7.35 14.36 -11.95
C LEU B 137 -8.72 13.80 -12.28
N THR B 138 -9.74 14.20 -11.50
CA THR B 138 -11.08 13.72 -11.79
C THR B 138 -11.48 14.07 -13.23
N GLN B 139 -11.01 15.22 -13.70
CA GLN B 139 -11.42 15.72 -14.99
C GLN B 139 -10.73 14.96 -16.10
N LEU B 140 -9.44 14.71 -15.93
CA LEU B 140 -8.76 13.85 -16.87
C LEU B 140 -9.43 12.48 -16.96
N ILE B 141 -9.87 11.95 -15.82
CA ILE B 141 -10.51 10.64 -15.81
C ILE B 141 -11.81 10.69 -16.61
N LYS B 142 -12.62 11.72 -16.35
CA LYS B 142 -13.89 11.92 -17.06
C LYS B 142 -13.69 12.03 -18.56
N GLU B 143 -12.67 12.77 -19.00
CA GLU B 143 -12.34 12.86 -20.41
C GLU B 143 -11.94 11.50 -20.99
N ARG B 144 -11.12 10.73 -20.27
CA ARG B 144 -10.69 9.45 -20.81
C ARG B 144 -11.86 8.48 -20.89
N ILE B 145 -12.80 8.56 -19.96
CA ILE B 145 -14.03 7.80 -20.08
C ILE B 145 -14.82 8.24 -21.31
N ALA B 146 -14.96 9.56 -21.51
CA ALA B 146 -15.81 10.08 -22.58
C ALA B 146 -15.25 9.76 -23.95
N ASP B 147 -13.92 9.70 -24.05
CA ASP B 147 -13.11 9.35 -25.20
C ASP B 147 -12.97 7.85 -25.37
N GLY B 148 -13.65 7.06 -24.54
CA GLY B 148 -13.69 5.63 -24.73
C GLY B 148 -12.51 4.86 -24.19
N LYS B 149 -11.44 5.52 -23.77
CA LYS B 149 -10.27 4.84 -23.24
C LYS B 149 -10.55 4.13 -21.92
N LEU B 150 -11.34 4.75 -21.05
CA LEU B 150 -11.59 4.18 -19.74
C LEU B 150 -13.02 3.66 -19.62
N GLU B 151 -13.15 2.60 -18.85
CA GLU B 151 -14.43 2.01 -18.55
C GLU B 151 -15.37 3.02 -17.89
N ASN B 152 -16.61 3.02 -18.34
CA ASN B 152 -17.58 4.00 -17.87
C ASN B 152 -18.20 3.51 -16.57
N VAL B 153 -17.55 3.85 -15.47
CA VAL B 153 -17.98 3.60 -14.10
C VAL B 153 -17.74 4.96 -13.44
N PRO B 154 -18.19 5.18 -12.23
CA PRO B 154 -17.99 6.49 -11.61
C PRO B 154 -16.51 6.85 -11.61
N PRO B 155 -16.18 8.12 -11.89
CA PRO B 155 -14.76 8.50 -11.92
C PRO B 155 -14.03 8.15 -10.63
N TYR B 156 -14.71 8.10 -9.49
CA TYR B 156 -14.03 7.75 -8.25
C TYR B 156 -13.60 6.28 -8.21
N PHE B 157 -14.17 5.41 -9.04
CA PHE B 157 -13.62 4.07 -9.20
C PHE B 157 -12.18 4.15 -9.68
N HIS B 158 -11.97 4.92 -10.75
CA HIS B 158 -10.64 5.06 -11.33
C HIS B 158 -9.71 5.79 -10.39
N TYR B 159 -10.22 6.81 -9.68
CA TYR B 159 -9.37 7.60 -8.81
C TYR B 159 -8.88 6.78 -7.63
N CYS B 160 -9.79 6.09 -6.93
CA CYS B 160 -9.39 5.21 -5.85
C CYS B 160 -8.42 4.14 -6.32
N ALA B 161 -8.63 3.59 -7.52
CA ALA B 161 -7.74 2.57 -8.04
C ALA B 161 -6.34 3.11 -8.30
N ALA B 162 -6.25 4.32 -8.86
CA ALA B 162 -4.96 4.96 -9.01
C ALA B 162 -4.30 5.21 -7.65
N TRP B 163 -5.09 5.59 -6.64
CA TRP B 163 -4.53 5.85 -5.32
C TRP B 163 -3.95 4.58 -4.71
N ALA B 164 -4.65 3.47 -4.89
CA ALA B 164 -4.21 2.19 -4.34
C ALA B 164 -2.93 1.68 -5.02
N LEU B 165 -2.90 1.72 -6.35
CA LEU B 165 -1.69 1.36 -7.08
C LEU B 165 -0.48 2.16 -6.59
N VAL B 166 -0.62 3.49 -6.53
CA VAL B 166 0.49 4.33 -6.08
C VAL B 166 0.87 4.00 -4.64
N HIS B 167 -0.12 3.94 -3.76
CA HIS B 167 0.18 3.66 -2.36
C HIS B 167 0.89 2.33 -2.19
N GLY B 168 0.39 1.29 -2.86
CA GLY B 168 1.01 -0.02 -2.74
C GLY B 168 2.37 -0.06 -3.39
N ALA B 169 2.54 0.72 -4.47
CA ALA B 169 3.85 0.83 -5.09
C ALA B 169 4.89 1.43 -4.14
N VAL B 170 4.51 2.49 -3.41
CA VAL B 170 5.44 3.12 -2.48
C VAL B 170 5.82 2.15 -1.38
N ALA B 171 4.85 1.42 -0.85
CA ALA B 171 5.16 0.39 0.15
C ALA B 171 6.08 -0.68 -0.42
N LEU B 172 5.81 -1.12 -1.67
CA LEU B 172 6.67 -2.11 -2.30
C LEU B 172 8.14 -1.65 -2.32
N TYR B 173 8.37 -0.36 -2.62
CA TYR B 173 9.72 0.23 -2.69
C TYR B 173 10.38 0.36 -1.32
N HIS B 174 9.62 0.15 -0.24
CA HIS B 174 10.16 0.07 1.11
C HIS B 174 10.30 -1.37 1.60
N SER B 175 10.15 -2.31 0.78
CA SER B 175 10.01 -3.66 1.31
C SER B 175 11.29 -4.48 1.17
N PRO B 176 11.49 -5.37 2.16
CA PRO B 176 12.59 -6.33 2.06
C PRO B 176 12.64 -6.89 0.69
N PHE B 177 11.61 -7.54 0.09
CA PHE B 177 11.60 -8.02 -1.32
C PHE B 177 12.33 -7.03 -2.22
N TRP B 178 11.68 -5.94 -2.60
CA TRP B 178 12.16 -5.08 -3.69
C TRP B 178 13.65 -4.82 -3.79
N ARG B 179 14.25 -4.43 -2.66
CA ARG B 179 15.64 -4.01 -2.73
C ARG B 179 16.64 -5.15 -2.64
N GLU B 180 16.21 -6.42 -2.57
CA GLU B 180 17.17 -7.53 -2.44
C GLU B 180 16.96 -8.70 -3.39
N VAL B 181 15.74 -8.90 -3.93
CA VAL B 181 15.51 -9.97 -4.89
C VAL B 181 15.08 -9.44 -6.26
N LEU B 182 14.39 -8.30 -6.30
CA LEU B 182 13.95 -7.77 -7.61
C LEU B 182 15.14 -7.13 -8.32
N GLU B 183 15.43 -7.65 -9.52
CA GLU B 183 16.67 -7.39 -10.24
C GLU B 183 16.61 -6.10 -11.09
N ASP B 184 15.66 -6.02 -12.01
CA ASP B 184 15.63 -4.95 -13.02
C ASP B 184 14.68 -3.87 -12.54
N GLN B 185 15.20 -2.97 -11.71
CA GLN B 185 14.34 -1.97 -11.09
C GLN B 185 13.84 -0.91 -12.07
N GLU B 186 14.65 -0.48 -13.04
CA GLU B 186 14.16 0.57 -13.95
C GLU B 186 13.14 0.03 -14.95
N GLY B 187 13.34 -1.19 -15.44
CA GLY B 187 12.28 -1.81 -16.22
C GLY B 187 11.00 -1.98 -15.43
N PHE B 188 11.12 -2.41 -14.17
CA PHE B 188 9.93 -2.60 -13.36
C PHE B 188 9.17 -1.29 -13.25
N PHE B 189 9.89 -0.19 -13.07
CA PHE B 189 9.27 1.11 -12.88
C PHE B 189 8.39 1.46 -14.06
N HIS B 190 8.91 1.30 -15.28
CA HIS B 190 8.13 1.60 -16.47
C HIS B 190 7.04 0.58 -16.72
N PHE B 191 7.24 -0.64 -16.28
CA PHE B 191 6.16 -1.61 -16.29
C PHE B 191 5.03 -1.19 -15.38
N LEU B 192 5.34 -0.68 -14.19
CA LEU B 192 4.29 -0.25 -13.29
C LEU B 192 3.52 0.96 -13.84
N MET B 193 4.22 1.88 -14.48
CA MET B 193 3.55 2.99 -15.13
C MET B 193 2.67 2.54 -16.30
N ASP B 194 3.13 1.58 -17.11
CA ASP B 194 2.22 1.02 -18.09
C ASP B 194 0.95 0.53 -17.41
N ILE B 195 1.09 -0.15 -16.26
CA ILE B 195 -0.07 -0.72 -15.59
C ILE B 195 -1.04 0.37 -15.15
N GLY B 196 -0.52 1.46 -14.59
CA GLY B 196 -1.40 2.56 -14.20
C GLY B 196 -2.14 3.17 -15.37
N VAL B 197 -1.45 3.39 -16.49
CA VAL B 197 -2.10 3.90 -17.68
C VAL B 197 -3.17 2.94 -18.16
N ARG B 198 -2.92 1.64 -18.04
CA ARG B 198 -3.82 0.64 -18.59
C ARG B 198 -4.90 0.23 -17.63
N MET B 199 -4.79 0.64 -16.37
CA MET B 199 -5.81 0.30 -15.38
C MET B 199 -7.19 0.78 -15.81
N GLY B 200 -8.17 -0.10 -15.76
CA GLY B 200 -9.55 0.26 -16.05
C GLY B 200 -9.86 0.63 -17.49
N ASN B 201 -8.98 0.31 -18.42
CA ASN B 201 -9.25 0.60 -19.82
C ASN B 201 -10.46 -0.21 -20.31
N LYS B 202 -11.26 0.38 -21.18
CA LYS B 202 -12.36 -0.36 -21.77
C LYS B 202 -11.83 -1.26 -22.88
N ARG B 203 -12.39 -2.47 -22.95
CA ARG B 203 -12.05 -3.44 -23.99
C ARG B 203 -13.10 -3.37 -25.09
N LYS B 204 -12.69 -3.06 -26.31
CA LYS B 204 -13.66 -2.98 -27.41
C LYS B 204 -13.95 -4.32 -28.04
#